data_5J31
#
_entry.id   5J31
#
_cell.length_a   83.940
_cell.length_b   105.580
_cell.length_c   114.510
_cell.angle_alpha   90.000
_cell.angle_beta   90.000
_cell.angle_gamma   90.000
#
_symmetry.space_group_name_H-M   'P 21 21 21'
#
loop_
_entity.id
_entity.type
_entity.pdbx_description
1 polymer '14-3-3 protein zeta/delta'
2 polymer 'Exoenzyme S'
3 non-polymer 'BENZOIC ACID'
4 water water
#
loop_
_entity_poly.entity_id
_entity_poly.type
_entity_poly.pdbx_seq_one_letter_code
_entity_poly.pdbx_strand_id
1 'polypeptide(L)'
;MDKNELVQKAKLAEQAERYDDMAACMKSVTEQGAELSNEERNLLSVAYKNVVGARRSSWRVVSSIEQKTEGAEKKQQMAR
EYREKIETELRDICNDVLSLLEKFLIPNASQAESKVFYLKMKGDYYRYLAEVAAGDDKKGIVDQSQQAYQEAFEISKKEM
QPTHPIRLGLALNFSVFYYEILNSPEKACSLAKTAFDEAIAELDTLSEESYKDSTLIMQLLRDNLTLWTS
;
A,B
2 'polypeptide(L)' G(MK8)LD(ZS8)LDLAS C,D
#
loop_
_chem_comp.id
_chem_comp.type
_chem_comp.name
_chem_comp.formula
BEZ non-polymer 'BENZOIC ACID' 'C7 H6 O2'
ZS8 non-polymer '(2S)-2-amino-2-methyldec-8-ynoic acid' 'C11 H19 N O2'
#
# COMPACT_ATOMS: atom_id res chain seq x y z
N MET A 1 12.14 18.18 16.92
CA MET A 1 11.01 17.47 17.51
C MET A 1 11.43 16.66 18.75
N ASP A 2 10.55 16.64 19.74
CA ASP A 2 10.79 15.94 21.00
C ASP A 2 10.55 14.45 20.85
N LYS A 3 11.33 13.66 21.55
CA LYS A 3 11.19 12.21 21.45
C LYS A 3 9.80 11.64 21.63
N ASN A 4 9.01 12.24 22.49
CA ASN A 4 7.68 11.75 22.75
C ASN A 4 6.78 12.09 21.57
N GLU A 5 6.98 13.30 21.08
CA GLU A 5 6.43 13.81 19.86
C GLU A 5 6.73 12.84 18.68
N LEU A 6 8.00 12.46 18.48
CA LEU A 6 8.39 11.57 17.39
C LEU A 6 7.62 10.25 17.44
N VAL A 7 7.46 9.71 18.64
CA VAL A 7 6.68 8.48 18.87
C VAL A 7 5.22 8.66 18.55
N GLN A 8 4.69 9.81 18.90
CA GLN A 8 3.27 10.03 18.72
C GLN A 8 3.00 10.16 17.21
N LYS A 9 3.94 10.78 16.48
CA LYS A 9 3.81 10.92 15.03
C LYS A 9 3.90 9.53 14.37
N ALA A 10 4.90 8.74 14.74
CA ALA A 10 5.00 7.32 14.34
C ALA A 10 3.68 6.60 14.53
N LYS A 11 2.99 6.83 15.65
CA LYS A 11 1.72 6.16 15.87
C LYS A 11 0.64 6.66 14.97
N LEU A 12 0.65 7.95 14.63
CA LEU A 12 -0.32 8.45 13.65
C LEU A 12 -0.06 7.88 12.27
N ALA A 13 1.22 7.81 11.93
CA ALA A 13 1.63 7.36 10.61
C ALA A 13 1.20 5.87 10.41
N GLU A 14 1.36 5.08 11.46
CA GLU A 14 0.86 3.72 11.46
C GLU A 14 -0.68 3.75 11.23
N GLN A 15 -1.40 4.52 11.98
CA GLN A 15 -2.90 4.51 11.78
C GLN A 15 -3.28 4.89 10.32
N ALA A 16 -2.52 5.81 9.77
CA ALA A 16 -2.63 6.31 8.40
C ALA A 16 -2.05 5.40 7.31
N GLU A 17 -1.34 4.34 7.71
CA GLU A 17 -0.71 3.51 6.73
C GLU A 17 0.35 4.27 5.93
N ARG A 18 1.05 5.17 6.58
CA ARG A 18 2.11 5.87 5.91
C ARG A 18 3.38 5.39 6.55
N TYR A 19 3.81 4.24 6.14
CA TYR A 19 4.97 3.60 6.69
C TYR A 19 6.31 4.25 6.48
N ASP A 20 6.52 4.91 5.37
CA ASP A 20 7.76 5.59 5.13
C ASP A 20 7.90 6.66 6.20
N ASP A 21 6.80 7.34 6.47
CA ASP A 21 6.80 8.37 7.49
C ASP A 21 7.08 7.77 8.83
N MET A 22 6.43 6.66 9.12
CA MET A 22 6.58 5.98 10.38
C MET A 22 8.01 5.58 10.63
N ALA A 23 8.67 5.12 9.61
CA ALA A 23 10.07 4.67 9.75
C ALA A 23 11.00 5.88 9.99
N ALA A 24 10.72 7.01 9.33
CA ALA A 24 11.53 8.23 9.56
C ALA A 24 11.51 8.67 11.04
N CYS A 25 10.32 8.74 11.62
CA CYS A 25 10.20 8.97 13.07
C CYS A 25 11.04 7.98 13.91
N MET A 26 10.88 6.70 13.67
CA MET A 26 11.48 5.76 14.59
C MET A 26 12.98 5.70 14.39
N LYS A 27 13.45 6.06 13.19
CA LYS A 27 14.86 6.29 12.94
C LYS A 27 15.43 7.43 13.79
N SER A 28 14.73 8.55 13.82
CA SER A 28 15.17 9.70 14.62
C SER A 28 15.17 9.33 16.09
N VAL A 29 14.10 8.67 16.54
CA VAL A 29 14.07 8.19 17.90
C VAL A 29 15.30 7.38 18.24
N THR A 30 15.60 6.40 17.43
CA THR A 30 16.72 5.55 17.69
C THR A 30 18.02 6.30 17.72
N GLU A 31 18.17 7.24 16.81
CA GLU A 31 19.38 8.00 16.70
C GLU A 31 19.67 8.89 17.89
N GLN A 32 18.75 8.94 18.85
CA GLN A 32 18.96 9.76 20.01
C GLN A 32 19.79 9.08 21.05
N GLY A 33 20.20 7.85 20.79
CA GLY A 33 21.08 7.14 21.68
C GLY A 33 20.59 6.39 22.86
N ALA A 34 19.42 6.70 23.34
CA ALA A 34 18.86 5.96 24.48
C ALA A 34 18.28 4.58 24.00
N GLU A 35 18.36 3.58 24.89
CA GLU A 35 17.69 2.29 24.73
C GLU A 35 16.17 2.38 24.55
N LEU A 36 15.72 1.85 23.43
CA LEU A 36 14.31 1.72 23.13
C LEU A 36 13.47 1.03 24.16
N SER A 37 12.25 1.57 24.47
CA SER A 37 11.32 0.78 25.24
C SER A 37 10.88 -0.39 24.32
N ASN A 38 10.17 -1.36 24.86
CA ASN A 38 9.66 -2.42 24.06
C ASN A 38 8.65 -1.87 23.08
N GLU A 39 7.94 -0.82 23.46
CA GLU A 39 6.95 -0.24 22.59
C GLU A 39 7.61 0.43 21.42
N GLU A 40 8.74 1.05 21.65
CA GLU A 40 9.45 1.71 20.60
C GLU A 40 10.09 0.71 19.67
N ARG A 41 10.58 -0.37 20.23
CA ARG A 41 11.20 -1.40 19.46
C ARG A 41 10.20 -2.01 18.51
N ASN A 42 8.96 -2.14 18.97
CA ASN A 42 7.94 -2.71 18.14
C ASN A 42 7.53 -1.77 17.05
N LEU A 43 7.53 -0.48 17.31
CA LEU A 43 7.16 0.48 16.29
C LEU A 43 8.20 0.54 15.21
N LEU A 44 9.45 0.53 15.60
CA LEU A 44 10.53 0.54 14.67
C LEU A 44 10.41 -0.65 13.75
N SER A 45 10.14 -1.80 14.30
CA SER A 45 10.12 -3.02 13.50
CA SER A 45 10.10 -3.05 13.51
C SER A 45 8.88 -3.10 12.61
N VAL A 46 7.73 -2.71 13.14
CA VAL A 46 6.55 -2.64 12.27
C VAL A 46 6.86 -1.80 11.05
N ALA A 47 7.57 -0.68 11.23
CA ALA A 47 7.70 0.28 10.16
C ALA A 47 8.69 -0.24 9.12
N TYR A 48 9.81 -0.73 9.55
CA TYR A 48 10.77 -1.24 8.56
C TYR A 48 10.26 -2.50 7.92
N LYS A 49 9.53 -3.32 8.67
CA LYS A 49 8.95 -4.50 8.06
C LYS A 49 8.11 -4.13 6.87
N ASN A 50 7.22 -3.13 7.00
CA ASN A 50 6.39 -2.78 5.85
C ASN A 50 7.10 -2.02 4.72
N VAL A 51 8.09 -1.21 5.07
CA VAL A 51 8.84 -0.44 4.07
C VAL A 51 9.71 -1.45 3.25
N VAL A 52 10.44 -2.32 3.93
CA VAL A 52 11.27 -3.28 3.15
C VAL A 52 10.37 -4.34 2.40
N GLY A 53 9.24 -4.72 2.99
CA GLY A 53 8.40 -5.78 2.43
C GLY A 53 7.71 -5.40 1.15
N ALA A 54 7.36 -4.13 1.03
CA ALA A 54 6.79 -3.65 -0.20
C ALA A 54 7.80 -3.72 -1.36
N ARG A 55 9.06 -3.46 -1.08
CA ARG A 55 10.08 -3.48 -2.14
C ARG A 55 10.45 -4.89 -2.48
N ARG A 56 10.40 -5.78 -1.51
CA ARG A 56 10.70 -7.15 -1.80
C ARG A 56 9.59 -7.71 -2.63
N SER A 57 8.36 -7.37 -2.32
CA SER A 57 7.25 -7.89 -3.08
C SER A 57 7.34 -7.38 -4.53
N SER A 58 7.70 -6.13 -4.71
CA SER A 58 7.82 -5.60 -6.06
C SER A 58 9.05 -6.22 -6.81
N TRP A 59 10.20 -6.35 -6.14
CA TRP A 59 11.33 -7.00 -6.76
C TRP A 59 10.95 -8.41 -7.23
N ARG A 60 10.23 -9.20 -6.43
CA ARG A 60 9.80 -10.51 -6.93
C ARG A 60 8.92 -10.38 -8.14
N VAL A 61 8.04 -9.39 -8.22
CA VAL A 61 7.14 -9.35 -9.39
C VAL A 61 7.88 -9.01 -10.68
N VAL A 62 8.72 -8.02 -10.61
CA VAL A 62 9.48 -7.54 -11.77
C VAL A 62 10.63 -8.55 -12.06
N SER A 63 11.06 -9.31 -11.08
CA SER A 63 12.10 -10.26 -11.36
C SER A 63 11.51 -11.39 -12.16
N SER A 64 10.31 -11.78 -11.81
CA SER A 64 9.65 -12.84 -12.51
C SER A 64 9.56 -12.46 -13.96
N ILE A 65 8.84 -11.40 -14.23
CA ILE A 65 8.66 -10.91 -15.57
C ILE A 65 9.96 -10.91 -16.36
N GLU A 66 10.99 -10.33 -15.79
CA GLU A 66 12.27 -10.27 -16.47
C GLU A 66 12.74 -11.64 -16.92
N GLN A 67 12.75 -12.58 -16.00
CA GLN A 67 13.19 -13.92 -16.30
C GLN A 67 12.25 -14.67 -17.22
N LYS A 68 11.02 -14.22 -17.35
CA LYS A 68 10.05 -14.93 -18.17
C LYS A 68 9.86 -14.34 -19.55
N THR A 69 10.62 -13.32 -19.90
CA THR A 69 10.48 -12.76 -21.22
C THR A 69 11.58 -13.29 -22.12
N GLU A 70 11.28 -14.39 -22.79
CA GLU A 70 12.20 -15.03 -23.73
C GLU A 70 12.17 -14.20 -24.99
N GLY A 71 13.28 -13.56 -25.32
CA GLY A 71 13.33 -12.71 -26.49
C GLY A 71 12.88 -11.33 -26.09
N ALA A 72 12.48 -10.51 -27.04
CA ALA A 72 12.02 -9.18 -26.71
C ALA A 72 13.13 -8.49 -25.94
N GLU A 73 14.33 -8.55 -26.48
CA GLU A 73 15.47 -7.95 -25.83
C GLU A 73 15.23 -6.58 -25.21
N LYS A 74 14.30 -5.80 -25.73
CA LYS A 74 14.05 -4.47 -25.17
C LYS A 74 13.15 -4.54 -23.95
N LYS A 75 12.00 -5.15 -24.12
CA LYS A 75 11.05 -5.37 -23.08
C LYS A 75 11.83 -5.89 -21.89
N GLN A 76 12.57 -6.96 -22.12
CA GLN A 76 13.43 -7.53 -21.14
C GLN A 76 14.43 -6.48 -20.58
N GLN A 77 14.93 -5.56 -21.38
CA GLN A 77 15.94 -4.64 -20.88
C GLN A 77 15.31 -3.67 -19.83
N MET A 78 14.11 -3.23 -20.16
CA MET A 78 13.33 -2.32 -19.38
C MET A 78 12.97 -2.91 -18.01
N ALA A 79 12.47 -4.14 -18.00
CA ALA A 79 12.34 -4.92 -16.79
C ALA A 79 13.60 -4.96 -15.94
N ARG A 80 14.72 -5.34 -16.52
CA ARG A 80 15.97 -5.48 -15.78
C ARG A 80 16.30 -4.12 -15.18
N GLU A 81 16.01 -3.08 -15.93
CA GLU A 81 16.28 -1.73 -15.46
C GLU A 81 15.37 -1.26 -14.29
N TYR A 82 14.08 -1.57 -14.37
CA TYR A 82 13.11 -1.31 -13.29
C TYR A 82 13.51 -2.13 -12.04
N ARG A 83 13.96 -3.37 -12.24
CA ARG A 83 14.38 -4.24 -11.19
C ARG A 83 15.53 -3.64 -10.44
N GLU A 84 16.52 -3.16 -11.18
CA GLU A 84 17.71 -2.51 -10.58
C GLU A 84 17.32 -1.22 -9.81
N LYS A 85 16.36 -0.46 -10.33
CA LYS A 85 15.88 0.74 -9.66
C LYS A 85 15.25 0.37 -8.29
N ILE A 86 14.48 -0.73 -8.26
CA ILE A 86 13.89 -1.28 -7.05
C ILE A 86 14.94 -1.87 -6.09
N GLU A 87 15.92 -2.60 -6.61
CA GLU A 87 16.98 -3.15 -5.79
C GLU A 87 17.69 -2.04 -5.07
N THR A 88 17.81 -0.90 -5.72
CA THR A 88 18.61 0.18 -5.18
C THR A 88 17.88 0.74 -3.96
N GLU A 89 16.59 1.04 -4.13
CA GLU A 89 15.69 1.38 -3.01
C GLU A 89 15.83 0.36 -1.85
N LEU A 90 15.90 -0.92 -2.18
CA LEU A 90 15.88 -1.91 -1.18
C LEU A 90 17.23 -2.01 -0.44
N ARG A 91 18.34 -1.89 -1.15
CA ARG A 91 19.64 -1.84 -0.44
C ARG A 91 19.74 -0.60 0.43
N ASP A 92 19.20 0.54 0.00
CA ASP A 92 19.26 1.71 0.84
C ASP A 92 18.56 1.48 2.19
N ILE A 93 17.34 0.91 2.15
CA ILE A 93 16.55 0.59 3.38
C ILE A 93 17.33 -0.44 4.24
N CYS A 94 17.77 -1.53 3.66
CA CYS A 94 18.54 -2.50 4.49
C CYS A 94 19.76 -1.89 5.09
N ASN A 95 20.45 -1.07 4.32
CA ASN A 95 21.61 -0.35 4.87
C ASN A 95 21.26 0.60 5.97
N ASP A 96 20.14 1.32 5.86
CA ASP A 96 19.71 2.11 7.00
C ASP A 96 19.46 1.27 8.25
N VAL A 97 18.77 0.14 8.11
CA VAL A 97 18.44 -0.65 9.29
C VAL A 97 19.72 -1.27 9.89
N LEU A 98 20.58 -1.80 9.03
CA LEU A 98 21.79 -2.47 9.51
C LEU A 98 22.69 -1.46 10.21
N SER A 99 22.56 -0.20 9.81
CA SER A 99 23.42 0.80 10.41
C SER A 99 22.84 1.14 11.79
N LEU A 100 21.50 1.34 11.87
CA LEU A 100 20.85 1.49 13.18
C LEU A 100 21.18 0.29 14.17
N LEU A 101 21.23 -0.91 13.63
CA LEU A 101 21.48 -2.05 14.44
C LEU A 101 22.94 -2.01 14.94
N GLU A 102 23.89 -1.69 14.09
CA GLU A 102 25.26 -1.64 14.52
C GLU A 102 25.62 -0.48 15.42
N LYS A 103 25.12 0.70 15.12
CA LYS A 103 25.45 1.84 15.92
C LYS A 103 24.71 1.95 17.24
N PHE A 104 23.42 1.68 17.24
CA PHE A 104 22.66 1.83 18.46
C PHE A 104 21.99 0.62 19.08
N LEU A 105 21.01 0.06 18.39
CA LEU A 105 20.24 -1.06 18.91
C LEU A 105 21.00 -2.18 19.56
N ILE A 106 21.86 -2.84 18.84
CA ILE A 106 22.57 -3.94 19.44
C ILE A 106 23.44 -3.54 20.61
N PRO A 107 24.35 -2.52 20.38
CA PRO A 107 25.17 -2.17 21.55
C PRO A 107 24.44 -1.60 22.75
N ASN A 108 23.22 -1.15 22.60
CA ASN A 108 22.49 -0.58 23.72
C ASN A 108 21.58 -1.54 24.42
N ALA A 109 21.46 -2.75 23.91
CA ALA A 109 20.56 -3.73 24.49
C ALA A 109 21.06 -4.27 25.79
N SER A 110 20.31 -4.07 26.86
CA SER A 110 20.78 -4.51 28.17
C SER A 110 20.10 -5.76 28.68
N GLN A 111 19.16 -6.30 27.91
CA GLN A 111 18.54 -7.60 28.24
C GLN A 111 18.75 -8.61 27.11
N ALA A 112 18.92 -9.87 27.46
CA ALA A 112 19.16 -10.88 26.45
C ALA A 112 18.05 -10.96 25.41
N GLU A 113 16.84 -10.85 25.88
CA GLU A 113 15.68 -10.87 24.99
C GLU A 113 15.79 -9.84 23.86
N SER A 114 16.21 -8.63 24.17
CA SER A 114 16.37 -7.57 23.17
C SER A 114 17.56 -7.84 22.30
N LYS A 115 18.61 -8.30 22.92
CA LYS A 115 19.80 -8.57 22.13
C LYS A 115 19.54 -9.63 21.09
N VAL A 116 18.82 -10.67 21.48
CA VAL A 116 18.39 -11.74 20.54
C VAL A 116 17.45 -11.17 19.52
N PHE A 117 16.54 -10.29 19.92
CA PHE A 117 15.64 -9.70 18.92
C PHE A 117 16.44 -8.95 17.80
N TYR A 118 17.32 -8.07 18.23
CA TYR A 118 18.12 -7.28 17.31
C TYR A 118 19.12 -8.04 16.50
N LEU A 119 19.68 -9.10 17.06
CA LEU A 119 20.64 -9.89 16.32
C LEU A 119 19.93 -10.65 15.23
N LYS A 120 18.72 -11.10 15.52
CA LYS A 120 17.94 -11.81 14.55
C LYS A 120 17.56 -10.87 13.44
N MET A 121 17.19 -9.64 13.79
CA MET A 121 16.83 -8.63 12.81
C MET A 121 17.99 -8.38 11.89
N LYS A 122 19.19 -8.39 12.43
CA LYS A 122 20.38 -8.19 11.65
C LYS A 122 20.53 -9.33 10.65
N GLY A 123 20.22 -10.53 11.09
CA GLY A 123 20.30 -11.67 10.20
C GLY A 123 19.27 -11.56 9.11
N ASP A 124 18.09 -11.12 9.46
CA ASP A 124 17.02 -10.97 8.52
C ASP A 124 17.37 -9.98 7.44
N TYR A 125 17.88 -8.83 7.83
CA TYR A 125 18.20 -7.82 6.86
C TYR A 125 19.37 -8.14 5.95
N TYR A 126 20.30 -8.94 6.40
CA TYR A 126 21.40 -9.33 5.56
C TYR A 126 20.87 -10.41 4.63
N ARG A 127 19.86 -11.14 5.08
CA ARG A 127 19.26 -12.17 4.27
C ARG A 127 18.53 -11.51 3.15
N TYR A 128 17.96 -10.37 3.39
CA TYR A 128 17.28 -9.66 2.27
C TYR A 128 18.25 -9.13 1.22
N LEU A 129 19.41 -8.70 1.69
CA LEU A 129 20.46 -8.23 0.82
C LEU A 129 20.95 -9.43 0.04
N ALA A 130 21.19 -10.57 0.70
CA ALA A 130 21.47 -11.79 -0.04
C ALA A 130 20.51 -12.20 -1.18
N GLU A 131 19.21 -12.17 -0.96
CA GLU A 131 18.24 -12.55 -1.98
C GLU A 131 18.42 -11.81 -3.31
N VAL A 132 19.04 -10.65 -3.25
CA VAL A 132 19.05 -9.75 -4.37
C VAL A 132 20.47 -9.42 -4.78
N ALA A 133 21.44 -10.23 -4.35
CA ALA A 133 22.84 -10.03 -4.68
C ALA A 133 23.32 -11.04 -5.72
N ALA A 134 24.36 -10.65 -6.45
CA ALA A 134 25.01 -11.51 -7.43
C ALA A 134 26.49 -11.43 -7.15
N GLY A 135 27.30 -11.93 -8.07
CA GLY A 135 28.73 -11.86 -7.92
C GLY A 135 29.25 -12.49 -6.66
N ASP A 136 30.46 -12.14 -6.29
CA ASP A 136 31.09 -12.68 -5.09
C ASP A 136 30.70 -11.89 -3.88
N ASP A 137 29.81 -10.93 -4.09
CA ASP A 137 29.31 -10.11 -3.01
C ASP A 137 28.42 -11.00 -2.20
N LYS A 138 27.71 -11.87 -2.87
CA LYS A 138 26.82 -12.79 -2.21
C LYS A 138 27.46 -13.43 -1.01
N LYS A 139 28.43 -14.28 -1.27
CA LYS A 139 29.11 -15.00 -0.22
C LYS A 139 29.42 -14.18 1.00
N GLY A 140 29.84 -12.96 0.81
CA GLY A 140 30.20 -12.12 1.92
C GLY A 140 29.02 -11.73 2.75
N ILE A 141 27.93 -11.44 2.06
CA ILE A 141 26.69 -11.04 2.67
C ILE A 141 26.08 -12.24 3.34
N VAL A 142 25.97 -13.33 2.62
CA VAL A 142 25.44 -14.54 3.22
C VAL A 142 26.09 -14.86 4.55
N ASP A 143 27.39 -14.62 4.65
CA ASP A 143 28.09 -14.96 5.86
C ASP A 143 27.70 -14.03 7.00
N GLN A 144 27.51 -12.76 6.70
CA GLN A 144 27.16 -11.81 7.74
C GLN A 144 25.81 -12.23 8.32
N SER A 145 24.92 -12.70 7.45
CA SER A 145 23.62 -13.11 7.90
C SER A 145 23.81 -14.32 8.78
N GLN A 146 24.65 -15.24 8.37
CA GLN A 146 24.74 -16.45 9.16
C GLN A 146 25.25 -16.18 10.56
N GLN A 147 26.28 -15.36 10.64
CA GLN A 147 26.93 -15.05 11.91
C GLN A 147 25.99 -14.29 12.85
N ALA A 148 25.22 -13.32 12.31
CA ALA A 148 24.25 -12.64 13.16
C ALA A 148 23.21 -13.65 13.74
N TYR A 149 22.63 -14.49 12.89
CA TYR A 149 21.69 -15.50 13.37
C TYR A 149 22.36 -16.40 14.40
N GLN A 150 23.65 -16.71 14.22
CA GLN A 150 24.29 -17.74 15.06
C GLN A 150 24.58 -17.16 16.38
N GLU A 151 24.94 -15.90 16.41
CA GLU A 151 25.15 -15.30 17.70
C GLU A 151 23.87 -15.22 18.48
N ALA A 152 22.78 -14.83 17.79
CA ALA A 152 21.44 -14.82 18.41
C ALA A 152 21.05 -16.14 18.95
N PHE A 153 21.38 -17.18 18.18
CA PHE A 153 20.96 -18.51 18.55
C PHE A 153 21.66 -18.95 19.84
N GLU A 154 22.93 -18.63 19.96
CA GLU A 154 23.68 -19.08 21.11
C GLU A 154 23.25 -18.36 22.38
N ILE A 155 22.95 -17.08 22.23
CA ILE A 155 22.37 -16.37 23.39
C ILE A 155 21.01 -16.94 23.80
N SER A 156 20.18 -17.22 22.81
CA SER A 156 18.82 -17.64 23.14
C SER A 156 18.86 -19.03 23.78
N LYS A 157 19.79 -19.86 23.40
CA LYS A 157 19.86 -21.14 24.02
C LYS A 157 20.32 -21.02 25.45
N LYS A 158 21.15 -20.05 25.73
CA LYS A 158 21.68 -19.91 27.08
C LYS A 158 20.70 -19.18 28.03
N GLU A 159 19.92 -18.24 27.51
CA GLU A 159 19.18 -17.28 28.36
C GLU A 159 17.63 -17.32 28.34
N MET A 160 17.03 -17.96 27.34
CA MET A 160 15.62 -17.87 27.14
C MET A 160 14.95 -19.28 27.24
N GLN A 161 13.67 -19.32 27.63
CA GLN A 161 12.92 -20.56 27.57
C GLN A 161 12.64 -20.99 26.08
N PRO A 162 12.71 -22.31 25.78
CA PRO A 162 12.48 -22.89 24.45
C PRO A 162 11.13 -22.52 23.80
N THR A 163 10.21 -22.11 24.63
CA THR A 163 8.88 -21.66 24.22
C THR A 163 8.71 -20.13 24.03
N HIS A 164 9.76 -19.35 24.34
CA HIS A 164 9.72 -17.95 24.17
C HIS A 164 9.54 -17.69 22.69
N PRO A 165 8.54 -16.89 22.31
CA PRO A 165 8.31 -16.57 20.92
C PRO A 165 9.46 -15.99 20.14
N ILE A 166 10.31 -15.22 20.77
CA ILE A 166 11.46 -14.70 20.05
C ILE A 166 12.53 -15.79 19.79
N ARG A 167 12.73 -16.69 20.74
CA ARG A 167 13.63 -17.83 20.48
C ARG A 167 13.07 -18.70 19.34
N LEU A 168 11.75 -18.90 19.33
CA LEU A 168 11.12 -19.77 18.34
C LEU A 168 11.14 -19.11 16.97
N GLY A 169 10.93 -17.81 16.95
CA GLY A 169 10.85 -17.10 15.67
C GLY A 169 12.22 -16.89 15.06
N LEU A 170 13.26 -16.92 15.89
CA LEU A 170 14.60 -16.90 15.43
C LEU A 170 14.87 -18.27 14.79
N ALA A 171 14.53 -19.35 15.48
CA ALA A 171 14.67 -20.72 14.95
C ALA A 171 14.03 -20.86 13.57
N LEU A 172 12.80 -20.39 13.45
CA LEU A 172 12.10 -20.37 12.20
C LEU A 172 12.81 -19.62 11.10
N ASN A 173 13.20 -18.39 11.36
CA ASN A 173 13.80 -17.59 10.30
C ASN A 173 15.23 -18.14 9.95
N PHE A 174 15.99 -18.56 10.95
CA PHE A 174 17.32 -19.16 10.72
C PHE A 174 17.13 -20.45 9.88
N SER A 175 16.10 -21.25 10.16
CA SER A 175 15.93 -22.50 9.42
C SER A 175 15.61 -22.21 7.97
N VAL A 176 14.80 -21.19 7.74
CA VAL A 176 14.54 -20.76 6.37
C VAL A 176 15.79 -20.16 5.70
N PHE A 177 16.61 -19.44 6.42
CA PHE A 177 17.87 -18.99 5.83
C PHE A 177 18.67 -20.20 5.28
N TYR A 178 18.80 -21.27 6.06
CA TYR A 178 19.57 -22.42 5.66
C TYR A 178 18.92 -23.05 4.45
N TYR A 179 17.63 -23.24 4.49
CA TYR A 179 16.99 -23.90 3.36
C TYR A 179 17.05 -23.07 2.10
N GLU A 180 16.57 -21.82 2.15
CA GLU A 180 16.35 -20.99 0.98
C GLU A 180 17.64 -20.31 0.58
N ILE A 181 18.50 -19.97 1.51
CA ILE A 181 19.70 -19.27 1.15
C ILE A 181 20.98 -20.05 1.01
N LEU A 182 21.21 -21.02 1.87
CA LEU A 182 22.41 -21.82 1.80
C LEU A 182 22.15 -23.14 1.14
N ASN A 183 20.93 -23.38 0.75
CA ASN A 183 20.58 -24.64 0.15
C ASN A 183 21.11 -25.82 0.96
N SER A 184 20.76 -25.87 2.23
CA SER A 184 21.17 -26.94 3.12
C SER A 184 19.94 -27.46 3.83
N PRO A 185 19.13 -28.19 3.11
CA PRO A 185 17.89 -28.71 3.68
C PRO A 185 18.08 -29.49 4.96
N GLU A 186 19.25 -30.08 5.11
CA GLU A 186 19.41 -31.00 6.27
C GLU A 186 19.67 -30.21 7.53
N LYS A 187 20.44 -29.14 7.39
CA LYS A 187 20.65 -28.19 8.47
C LYS A 187 19.34 -27.46 8.79
N ALA A 188 18.54 -27.14 7.78
CA ALA A 188 17.24 -26.52 8.01
C ALA A 188 16.30 -27.40 8.83
N CYS A 189 16.04 -28.61 8.33
CA CYS A 189 15.18 -29.59 9.02
C CYS A 189 15.65 -29.91 10.44
N SER A 190 16.95 -30.01 10.62
CA SER A 190 17.48 -30.31 11.94
C SER A 190 17.31 -29.11 12.96
N LEU A 191 17.55 -27.88 12.51
CA LEU A 191 17.25 -26.73 13.36
C LEU A 191 15.71 -26.66 13.65
N ALA A 192 14.87 -26.79 12.66
CA ALA A 192 13.45 -26.70 12.96
C ALA A 192 12.97 -27.75 13.89
N LYS A 193 13.50 -28.96 13.75
CA LYS A 193 13.00 -30.10 14.51
C LYS A 193 13.37 -29.98 16.00
N THR A 194 14.66 -29.74 16.21
CA THR A 194 15.15 -29.55 17.56
C THR A 194 14.33 -28.45 18.27
N ALA A 195 14.16 -27.33 17.58
CA ALA A 195 13.48 -26.18 18.18
C ALA A 195 12.06 -26.58 18.60
N PHE A 196 11.34 -27.26 17.70
CA PHE A 196 9.95 -27.80 17.97
C PHE A 196 9.94 -28.73 19.19
N ASP A 197 10.91 -29.66 19.21
CA ASP A 197 10.98 -30.70 20.25
C ASP A 197 11.32 -30.11 21.60
N GLU A 198 12.35 -29.28 21.66
CA GLU A 198 12.61 -28.65 22.95
C GLU A 198 11.38 -27.90 23.51
N ALA A 199 10.58 -27.29 22.62
CA ALA A 199 9.47 -26.54 23.14
C ALA A 199 8.42 -27.53 23.64
N ILE A 200 8.20 -28.59 22.89
CA ILE A 200 7.23 -29.63 23.32
C ILE A 200 7.65 -30.15 24.66
N ALA A 201 8.93 -30.49 24.78
CA ALA A 201 9.46 -30.91 26.07
C ALA A 201 9.29 -29.93 27.21
N GLU A 202 9.37 -28.63 26.99
CA GLU A 202 9.17 -27.71 28.13
C GLU A 202 7.76 -27.78 28.57
N LEU A 203 6.79 -27.85 27.67
CA LEU A 203 5.42 -28.10 28.14
C LEU A 203 5.28 -29.26 29.18
N ASP A 204 5.97 -30.38 28.94
CA ASP A 204 5.89 -31.49 29.89
C ASP A 204 6.20 -31.12 31.35
N THR A 205 7.18 -30.24 31.57
CA THR A 205 7.49 -29.71 32.91
C THR A 205 6.30 -28.86 33.42
N LEU A 206 5.99 -27.85 32.62
CA LEU A 206 4.95 -26.89 32.89
C LEU A 206 3.58 -27.43 32.53
N GLU A 208 1.48 -16.65 34.75
CA GLU A 208 2.13 -17.45 33.74
C GLU A 208 2.13 -16.84 32.33
N GLU A 209 2.76 -17.52 31.37
CA GLU A 209 3.05 -16.89 30.07
C GLU A 209 2.10 -17.30 28.99
N SER A 210 2.24 -16.63 27.82
CA SER A 210 1.37 -16.72 26.62
C SER A 210 1.86 -17.69 25.51
N TYR A 211 1.25 -18.88 25.60
CA TYR A 211 1.63 -19.99 24.75
C TYR A 211 0.86 -19.92 23.47
N LYS A 212 -0.11 -19.02 23.34
CA LYS A 212 -0.85 -18.90 22.09
C LYS A 212 0.12 -18.60 20.94
N ASP A 213 0.84 -17.50 21.05
CA ASP A 213 1.82 -17.05 20.07
C ASP A 213 2.96 -18.08 19.87
N SER A 214 3.46 -18.65 20.95
CA SER A 214 4.45 -19.71 20.87
C SER A 214 3.96 -20.89 20.04
N THR A 215 2.71 -21.28 20.23
CA THR A 215 2.24 -22.52 19.59
C THR A 215 1.99 -22.29 18.11
N LEU A 216 1.62 -21.08 17.78
CA LEU A 216 1.53 -20.66 16.40
C LEU A 216 2.89 -20.81 15.64
N ILE A 217 3.97 -20.42 16.27
CA ILE A 217 5.26 -20.47 15.59
C ILE A 217 5.73 -21.95 15.54
N MET A 218 5.46 -22.71 16.59
CA MET A 218 5.62 -24.17 16.57
C MET A 218 4.84 -24.77 15.41
N GLN A 219 3.61 -24.37 15.17
CA GLN A 219 2.92 -24.88 13.96
C GLN A 219 3.67 -24.54 12.64
N LEU A 220 4.23 -23.31 12.57
CA LEU A 220 4.94 -22.89 11.35
C LEU A 220 6.23 -23.73 11.19
N LEU A 221 6.97 -23.97 12.28
CA LEU A 221 8.13 -24.89 12.21
C LEU A 221 7.71 -26.23 11.60
N ARG A 222 6.65 -26.83 12.13
CA ARG A 222 6.27 -28.14 11.67
C ARG A 222 5.75 -28.10 10.24
N ASP A 223 4.92 -27.11 9.88
CA ASP A 223 4.48 -27.02 8.46
C ASP A 223 5.68 -27.03 7.47
N ASN A 224 6.77 -26.38 7.85
CA ASN A 224 7.93 -26.34 7.04
C ASN A 224 8.63 -27.71 6.97
N LEU A 225 8.71 -28.42 8.09
CA LEU A 225 9.24 -29.77 8.11
C LEU A 225 8.41 -30.64 7.17
N THR A 226 7.10 -30.51 7.26
CA THR A 226 6.22 -31.30 6.44
C THR A 226 6.53 -31.05 4.97
N LEU A 227 6.73 -29.79 4.60
CA LEU A 227 6.97 -29.41 3.21
C LEU A 227 8.38 -29.74 2.73
N TRP A 228 9.32 -29.73 3.63
CA TRP A 228 10.69 -30.01 3.25
C TRP A 228 10.92 -31.50 3.20
N THR A 229 9.97 -32.25 3.70
CA THR A 229 10.10 -33.69 3.71
C THR A 229 9.59 -34.25 2.40
N SER A 230 8.45 -33.75 1.97
CA SER A 230 7.88 -34.18 0.72
C SER A 230 6.48 -33.61 0.65
N MET B 1 11.62 8.62 -22.78
CA MET B 1 11.41 7.49 -23.67
C MET B 1 10.27 7.80 -24.61
N ASP B 2 9.95 6.88 -25.50
CA ASP B 2 8.87 7.11 -26.43
C ASP B 2 7.59 6.63 -25.80
N LYS B 3 6.46 6.94 -26.41
CA LYS B 3 5.18 6.55 -25.87
C LYS B 3 5.08 5.10 -25.52
N ASN B 4 5.53 4.24 -26.40
CA ASN B 4 5.48 2.82 -26.14
C ASN B 4 6.25 2.37 -24.92
N GLU B 5 7.44 2.87 -24.76
CA GLU B 5 8.23 2.54 -23.60
C GLU B 5 7.49 2.97 -22.31
N LEU B 6 6.93 4.18 -22.33
CA LEU B 6 6.30 4.75 -21.15
C LEU B 6 5.12 3.86 -20.76
N VAL B 7 4.25 3.62 -21.73
CA VAL B 7 3.17 2.69 -21.55
C VAL B 7 3.63 1.33 -21.01
N GLN B 8 4.72 0.81 -21.50
CA GLN B 8 5.22 -0.44 -20.98
C GLN B 8 5.66 -0.33 -19.53
N LYS B 9 6.39 0.73 -19.20
CA LYS B 9 6.85 0.94 -17.87
C LYS B 9 5.60 1.04 -16.94
N ALA B 10 4.61 1.81 -17.39
CA ALA B 10 3.40 1.91 -16.61
C ALA B 10 2.79 0.57 -16.24
N LYS B 11 2.68 -0.34 -17.19
CA LYS B 11 2.12 -1.68 -16.91
C LYS B 11 3.02 -2.50 -15.98
N LEU B 12 4.29 -2.21 -16.00
CA LEU B 12 5.21 -2.90 -15.14
C LEU B 12 5.02 -2.34 -13.70
N ALA B 13 4.94 -1.01 -13.57
CA ALA B 13 4.70 -0.43 -12.28
C ALA B 13 3.37 -0.92 -11.68
N GLU B 14 2.30 -1.05 -12.48
CA GLU B 14 1.00 -1.68 -12.05
C GLU B 14 1.18 -3.05 -11.50
N GLN B 15 1.93 -3.88 -12.22
CA GLN B 15 2.21 -5.24 -11.74
C GLN B 15 2.96 -5.20 -10.39
N ALA B 16 3.87 -4.27 -10.24
CA ALA B 16 4.62 -4.11 -9.00
C ALA B 16 3.92 -3.35 -7.89
N GLU B 17 2.69 -2.84 -8.16
CA GLU B 17 1.98 -2.06 -7.17
C GLU B 17 2.70 -0.77 -6.77
N ARG B 18 3.35 -0.16 -7.73
CA ARG B 18 4.10 1.07 -7.53
C ARG B 18 3.36 2.20 -8.29
N TYR B 19 2.25 2.60 -7.72
CA TYR B 19 1.36 3.53 -8.36
C TYR B 19 1.86 4.92 -8.59
N ASP B 20 2.72 5.43 -7.74
CA ASP B 20 3.24 6.74 -7.96
C ASP B 20 4.02 6.67 -9.27
N ASP B 21 4.76 5.59 -9.48
CA ASP B 21 5.52 5.40 -10.70
C ASP B 21 4.61 5.32 -11.91
N MET B 22 3.53 4.58 -11.80
CA MET B 22 2.58 4.41 -12.86
C MET B 22 1.99 5.72 -13.31
N ALA B 23 1.64 6.55 -12.36
CA ALA B 23 1.05 7.88 -12.60
C ALA B 23 2.04 8.75 -13.36
N ALA B 24 3.30 8.70 -12.95
CA ALA B 24 4.29 9.57 -13.55
C ALA B 24 4.49 9.15 -14.98
N CYS B 25 4.59 7.85 -15.26
CA CYS B 25 4.62 7.40 -16.66
C CYS B 25 3.44 7.93 -17.52
N MET B 26 2.25 7.77 -17.00
CA MET B 26 1.06 8.05 -17.73
C MET B 26 0.81 9.56 -17.84
N LYS B 27 1.25 10.33 -16.87
CA LYS B 27 1.40 11.77 -17.04
C LYS B 27 2.28 12.21 -18.25
N SER B 28 3.45 11.60 -18.43
CA SER B 28 4.29 11.99 -19.56
C SER B 28 3.62 11.65 -20.84
N VAL B 29 3.02 10.47 -20.89
CA VAL B 29 2.34 10.04 -22.12
C VAL B 29 1.31 11.05 -22.49
N THR B 30 0.55 11.44 -21.50
CA THR B 30 -0.50 12.41 -21.75
C THR B 30 0.13 13.72 -22.27
N GLU B 31 1.29 14.07 -21.73
CA GLU B 31 1.92 15.34 -22.03
C GLU B 31 2.49 15.43 -23.46
N GLN B 32 2.65 14.28 -24.13
CA GLN B 32 3.01 14.27 -25.54
C GLN B 32 1.97 14.86 -26.45
N GLY B 33 0.77 15.12 -25.97
CA GLY B 33 -0.16 15.93 -26.67
C GLY B 33 -1.19 15.23 -27.52
N ALA B 34 -1.00 13.94 -27.75
CA ALA B 34 -1.94 13.16 -28.58
C ALA B 34 -3.06 12.51 -27.71
N GLU B 35 -4.28 12.49 -28.28
CA GLU B 35 -5.47 11.80 -27.75
C GLU B 35 -5.13 10.36 -27.34
N LEU B 36 -5.47 10.03 -26.09
CA LEU B 36 -5.21 8.68 -25.54
C LEU B 36 -6.24 7.67 -26.00
N SER B 37 -5.73 6.49 -26.25
CA SER B 37 -6.52 5.36 -26.62
C SER B 37 -7.21 4.87 -25.35
N ASN B 38 -8.18 3.96 -25.47
CA ASN B 38 -8.78 3.36 -24.29
C ASN B 38 -7.69 2.68 -23.38
N GLU B 39 -6.70 1.96 -23.94
CA GLU B 39 -5.73 1.28 -23.02
C GLU B 39 -5.00 2.31 -22.18
N GLU B 40 -4.67 3.44 -22.81
CA GLU B 40 -3.89 4.49 -22.12
C GLU B 40 -4.76 5.27 -21.13
N ARG B 41 -5.99 5.59 -21.53
CA ARG B 41 -6.91 6.32 -20.65
C ARG B 41 -7.14 5.53 -19.40
N ASN B 42 -7.24 4.23 -19.58
CA ASN B 42 -7.52 3.35 -18.44
C ASN B 42 -6.35 3.21 -17.51
N LEU B 43 -5.13 3.02 -18.03
CA LEU B 43 -3.96 3.03 -17.21
C LEU B 43 -3.88 4.38 -16.43
N LEU B 44 -4.09 5.51 -17.10
CA LEU B 44 -3.96 6.77 -16.38
C LEU B 44 -4.90 6.81 -15.18
N SER B 45 -6.13 6.36 -15.37
CA SER B 45 -7.14 6.36 -14.26
C SER B 45 -6.84 5.44 -13.13
N VAL B 46 -6.46 4.22 -13.45
CA VAL B 46 -6.08 3.27 -12.45
C VAL B 46 -5.01 3.92 -11.62
N ALA B 47 -4.02 4.48 -12.29
CA ALA B 47 -2.85 5.02 -11.55
C ALA B 47 -3.29 6.11 -10.55
N TYR B 48 -4.03 7.06 -11.09
CA TYR B 48 -4.33 8.20 -10.25
C TYR B 48 -5.36 7.76 -9.20
N LYS B 49 -6.27 6.84 -9.54
CA LYS B 49 -7.25 6.41 -8.52
C LYS B 49 -6.60 5.93 -7.27
N ASN B 50 -5.55 5.10 -7.43
CA ASN B 50 -4.83 4.62 -6.30
C ASN B 50 -3.95 5.66 -5.66
N VAL B 51 -3.39 6.56 -6.45
CA VAL B 51 -2.47 7.53 -5.84
C VAL B 51 -3.30 8.48 -4.94
N VAL B 52 -4.39 8.99 -5.50
CA VAL B 52 -5.23 9.89 -4.73
C VAL B 52 -5.94 9.09 -3.63
N GLY B 53 -6.36 7.86 -3.90
CA GLY B 53 -7.28 7.18 -2.90
C GLY B 53 -6.52 6.91 -1.60
N ALA B 54 -5.22 6.68 -1.70
CA ALA B 54 -4.49 6.43 -0.51
C ALA B 54 -4.45 7.64 0.40
N ARG B 55 -4.20 8.78 -0.19
CA ARG B 55 -4.15 10.01 0.61
C ARG B 55 -5.57 10.36 1.16
N ARG B 56 -6.65 10.18 0.38
CA ARG B 56 -8.01 10.31 0.95
C ARG B 56 -8.20 9.41 2.13
N SER B 57 -7.71 8.18 1.98
CA SER B 57 -7.86 7.23 3.07
C SER B 57 -7.12 7.73 4.33
N SER B 58 -5.90 8.18 4.11
CA SER B 58 -5.07 8.57 5.21
C SER B 58 -5.68 9.83 5.83
N TRP B 59 -6.17 10.74 4.99
CA TRP B 59 -6.75 11.95 5.48
C TRP B 59 -7.90 11.63 6.39
N ARG B 60 -8.78 10.70 6.01
CA ARG B 60 -9.98 10.42 6.82
C ARG B 60 -9.63 9.86 8.18
N VAL B 61 -8.56 9.10 8.24
CA VAL B 61 -8.12 8.50 9.47
C VAL B 61 -7.59 9.56 10.40
N VAL B 62 -6.66 10.34 9.93
CA VAL B 62 -6.07 11.37 10.75
C VAL B 62 -7.06 12.44 11.11
N SER B 63 -7.82 12.91 10.16
CA SER B 63 -8.79 13.92 10.42
C SER B 63 -9.68 13.46 11.54
N SER B 64 -10.14 12.23 11.47
CA SER B 64 -10.98 11.69 12.49
C SER B 64 -10.29 11.84 13.81
N ILE B 65 -9.09 11.31 13.93
CA ILE B 65 -8.35 11.40 15.16
C ILE B 65 -8.31 12.82 15.67
N GLU B 66 -7.96 13.75 14.81
CA GLU B 66 -7.89 15.14 15.23
C GLU B 66 -9.21 15.56 15.85
N GLN B 67 -10.25 14.82 15.54
CA GLN B 67 -11.54 15.16 16.08
C GLN B 67 -11.79 14.62 17.45
N LYS B 68 -11.47 13.36 17.67
CA LYS B 68 -11.79 12.78 18.97
C LYS B 68 -10.72 13.14 20.01
N THR B 69 -9.85 14.07 19.65
CA THR B 69 -8.80 14.50 20.53
C THR B 69 -9.19 15.72 21.33
N GLU B 70 -10.20 15.57 22.15
CA GLU B 70 -10.66 16.67 22.98
C GLU B 70 -9.85 16.70 24.27
N GLY B 71 -8.88 15.81 24.38
CA GLY B 71 -8.08 15.74 25.58
C GLY B 71 -6.86 16.64 25.66
N ALA B 72 -5.80 16.23 24.99
CA ALA B 72 -4.56 16.97 25.07
C ALA B 72 -4.54 17.80 23.85
N GLU B 73 -4.58 19.12 24.01
CA GLU B 73 -4.54 19.98 22.83
C GLU B 73 -3.28 19.59 22.08
N LYS B 74 -2.22 19.38 22.83
CA LYS B 74 -0.99 18.93 22.22
C LYS B 74 -1.03 17.86 21.15
N LYS B 75 -1.70 16.78 21.46
CA LYS B 75 -1.84 15.71 20.52
C LYS B 75 -2.64 16.29 19.38
N GLN B 76 -3.74 16.92 19.73
CA GLN B 76 -4.60 17.50 18.74
C GLN B 76 -3.82 18.33 17.78
N GLN B 77 -2.81 18.99 18.29
CA GLN B 77 -2.01 19.85 17.44
C GLN B 77 -1.27 19.06 16.42
N MET B 78 -0.73 17.92 16.81
CA MET B 78 0.02 17.10 15.89
C MET B 78 -0.89 16.52 14.85
N ALA B 79 -2.01 16.00 15.28
CA ALA B 79 -2.96 15.46 14.36
C ALA B 79 -3.33 16.51 13.30
N ARG B 80 -3.48 17.78 13.68
CA ARG B 80 -3.80 18.84 12.72
C ARG B 80 -2.65 19.05 11.75
N GLU B 81 -1.44 19.06 12.26
CA GLU B 81 -0.31 19.31 11.40
C GLU B 81 -0.10 18.14 10.41
N TYR B 82 -0.45 16.92 10.83
CA TYR B 82 -0.21 15.78 9.98
C TYR B 82 -1.26 15.84 8.87
N ARG B 83 -2.49 16.05 9.28
CA ARG B 83 -3.56 16.23 8.37
C ARG B 83 -3.23 17.27 7.32
N GLU B 84 -2.75 18.43 7.74
CA GLU B 84 -2.43 19.53 6.83
C GLU B 84 -1.40 19.13 5.78
N LYS B 85 -0.42 18.33 6.21
CA LYS B 85 0.63 17.89 5.32
C LYS B 85 0.07 16.98 4.21
N ILE B 86 -0.68 15.98 4.63
CA ILE B 86 -1.42 15.09 3.77
C ILE B 86 -2.41 15.84 2.86
N GLU B 87 -3.08 16.90 3.34
CA GLU B 87 -4.03 17.66 2.44
C GLU B 87 -3.24 18.26 1.34
N THR B 88 -2.02 18.63 1.67
CA THR B 88 -1.18 19.31 0.73
C THR B 88 -0.78 18.36 -0.39
N GLU B 89 -0.35 17.15 -0.05
CA GLU B 89 -0.07 16.08 -1.07
C GLU B 89 -1.34 15.84 -1.95
N LEU B 90 -2.45 15.76 -1.27
CA LEU B 90 -3.71 15.57 -1.91
C LEU B 90 -4.04 16.69 -2.88
N ARG B 91 -3.72 17.93 -2.54
CA ARG B 91 -4.10 19.04 -3.44
C ARG B 91 -3.19 19.07 -4.58
N ASP B 92 -1.93 18.71 -4.36
CA ASP B 92 -1.01 18.66 -5.48
C ASP B 92 -1.51 17.68 -6.54
N ILE B 93 -1.95 16.50 -6.07
CA ILE B 93 -2.35 15.41 -6.96
C ILE B 93 -3.61 15.82 -7.77
N CYS B 94 -4.62 16.32 -7.09
CA CYS B 94 -5.84 16.69 -7.79
C CYS B 94 -5.46 17.72 -8.79
N ASN B 95 -4.62 18.67 -8.40
CA ASN B 95 -4.21 19.76 -9.32
C ASN B 95 -3.46 19.23 -10.52
N ASP B 96 -2.53 18.27 -10.36
CA ASP B 96 -1.93 17.67 -11.55
C ASP B 96 -2.98 17.11 -12.54
N VAL B 97 -3.94 16.36 -12.00
CA VAL B 97 -4.92 15.66 -12.78
C VAL B 97 -5.87 16.64 -13.44
N LEU B 98 -6.34 17.61 -12.65
CA LEU B 98 -7.29 18.60 -13.16
C LEU B 98 -6.69 19.39 -14.27
N SER B 99 -5.35 19.46 -14.27
CA SER B 99 -4.65 20.22 -15.27
C SER B 99 -4.45 19.34 -16.49
N LEU B 100 -4.02 18.07 -16.31
CA LEU B 100 -3.97 17.14 -17.43
C LEU B 100 -5.34 17.12 -18.15
N LEU B 101 -6.42 17.23 -17.39
CA LEU B 101 -7.74 17.24 -17.99
C LEU B 101 -8.03 18.47 -18.80
N GLU B 102 -7.73 19.67 -18.27
CA GLU B 102 -8.05 20.93 -19.01
C GLU B 102 -7.15 21.13 -20.25
N LYS B 103 -5.89 20.76 -20.19
CA LYS B 103 -5.00 21.01 -21.28
C LYS B 103 -5.07 19.95 -22.32
N PHE B 104 -5.28 18.71 -21.97
CA PHE B 104 -5.19 17.64 -22.99
C PHE B 104 -6.45 16.76 -23.14
N LEU B 105 -6.84 16.13 -22.03
CA LEU B 105 -7.76 15.05 -22.13
C LEU B 105 -9.13 15.54 -22.63
N ILE B 106 -9.64 16.64 -22.14
CA ILE B 106 -10.96 17.10 -22.64
C ILE B 106 -10.84 17.64 -24.04
N PRO B 107 -9.90 18.55 -24.28
CA PRO B 107 -9.87 19.10 -25.64
C PRO B 107 -9.58 18.10 -26.70
N ASN B 108 -8.79 17.08 -26.42
CA ASN B 108 -8.49 16.12 -27.49
C ASN B 108 -9.51 14.96 -27.64
N ALA B 109 -10.57 14.92 -26.83
CA ALA B 109 -11.47 13.78 -26.85
C ALA B 109 -12.42 13.86 -28.01
N SER B 110 -12.34 12.88 -28.91
CA SER B 110 -13.13 12.98 -30.15
C SER B 110 -14.43 12.21 -30.14
N GLN B 111 -14.75 11.57 -29.03
CA GLN B 111 -15.86 10.63 -28.99
C GLN B 111 -16.55 10.90 -27.69
N ALA B 112 -17.86 10.87 -27.75
CA ALA B 112 -18.71 11.06 -26.61
C ALA B 112 -18.33 10.26 -25.36
N GLU B 113 -18.00 8.98 -25.50
CA GLU B 113 -17.78 8.16 -24.31
C GLU B 113 -16.62 8.78 -23.54
N SER B 114 -15.56 9.07 -24.25
CA SER B 114 -14.33 9.52 -23.61
C SER B 114 -14.55 10.90 -23.01
N LYS B 115 -15.25 11.73 -23.74
CA LYS B 115 -15.55 13.05 -23.25
C LYS B 115 -16.38 13.02 -21.96
N VAL B 116 -17.43 12.22 -21.94
CA VAL B 116 -18.17 12.03 -20.68
C VAL B 116 -17.22 11.47 -19.59
N PHE B 117 -16.42 10.48 -19.94
CA PHE B 117 -15.50 9.92 -18.96
C PHE B 117 -14.65 11.04 -18.32
N TYR B 118 -14.01 11.87 -19.13
CA TYR B 118 -13.12 12.90 -18.56
C TYR B 118 -13.88 14.02 -17.84
N LEU B 119 -15.05 14.44 -18.34
CA LEU B 119 -15.87 15.38 -17.51
C LEU B 119 -16.30 14.82 -16.15
N LYS B 120 -16.74 13.56 -16.11
CA LYS B 120 -17.01 12.92 -14.81
C LYS B 120 -15.80 13.02 -13.93
N MET B 121 -14.62 12.78 -14.51
CA MET B 121 -13.35 12.68 -13.71
C MET B 121 -13.04 14.04 -13.17
N LYS B 122 -13.32 15.04 -13.96
CA LYS B 122 -13.13 16.40 -13.53
C LYS B 122 -14.03 16.68 -12.34
N GLY B 123 -15.25 16.21 -12.40
CA GLY B 123 -16.16 16.38 -11.30
C GLY B 123 -15.68 15.64 -10.09
N ASP B 124 -15.19 14.44 -10.28
CA ASP B 124 -14.69 13.64 -9.20
C ASP B 124 -13.58 14.36 -8.48
N TYR B 125 -12.65 14.91 -9.24
CA TYR B 125 -11.52 15.58 -8.65
C TYR B 125 -11.75 16.90 -8.00
N TYR B 126 -12.73 17.67 -8.45
CA TYR B 126 -13.03 18.92 -7.80
C TYR B 126 -13.74 18.51 -6.54
N ARG B 127 -14.53 17.45 -6.61
CA ARG B 127 -15.22 16.96 -5.44
C ARG B 127 -14.22 16.53 -4.41
N TYR B 128 -13.12 15.89 -4.80
CA TYR B 128 -12.17 15.48 -3.75
C TYR B 128 -11.52 16.68 -3.08
N LEU B 129 -11.35 17.75 -3.83
CA LEU B 129 -10.78 19.00 -3.33
C LEU B 129 -11.77 19.74 -2.40
N ALA B 130 -13.06 19.71 -2.73
CA ALA B 130 -14.07 20.22 -1.83
C ALA B 130 -14.09 19.52 -0.46
N GLU B 131 -13.83 18.23 -0.44
CA GLU B 131 -13.84 17.47 0.79
C GLU B 131 -12.87 17.99 1.81
N VAL B 132 -11.82 18.64 1.37
CA VAL B 132 -10.83 19.15 2.28
C VAL B 132 -10.65 20.64 2.21
N ALA B 133 -11.63 21.34 1.68
CA ALA B 133 -11.55 22.77 1.59
C ALA B 133 -12.34 23.39 2.71
N ALA B 134 -12.20 24.68 2.87
CA ALA B 134 -12.95 25.37 3.89
C ALA B 134 -12.54 26.78 3.60
N GLY B 135 -13.37 27.76 3.97
CA GLY B 135 -14.79 27.55 3.87
C GLY B 135 -14.91 28.54 2.76
N ASP B 136 -13.89 29.38 2.75
CA ASP B 136 -13.77 30.42 1.74
C ASP B 136 -13.87 29.91 0.33
N ASP B 137 -12.88 29.13 -0.05
CA ASP B 137 -12.80 28.58 -1.39
C ASP B 137 -13.79 27.50 -1.66
N LYS B 138 -14.25 26.85 -0.62
CA LYS B 138 -15.19 25.77 -0.77
C LYS B 138 -16.31 26.05 -1.74
N LYS B 139 -17.05 27.11 -1.53
CA LYS B 139 -18.16 27.41 -2.41
C LYS B 139 -17.79 27.31 -3.87
N GLY B 140 -16.73 27.98 -4.26
CA GLY B 140 -16.33 27.95 -5.68
C GLY B 140 -15.80 26.59 -6.22
N ILE B 141 -15.30 25.73 -5.34
CA ILE B 141 -14.73 24.45 -5.75
C ILE B 141 -15.88 23.48 -5.96
N VAL B 142 -16.80 23.47 -5.00
CA VAL B 142 -18.10 22.84 -5.19
C VAL B 142 -18.78 23.19 -6.49
N ASP B 143 -18.73 24.43 -6.89
CA ASP B 143 -19.36 24.84 -8.13
C ASP B 143 -18.69 24.27 -9.36
N GLN B 144 -17.38 24.26 -9.39
CA GLN B 144 -16.64 23.65 -10.49
C GLN B 144 -16.94 22.15 -10.60
N SER B 145 -17.06 21.46 -9.45
CA SER B 145 -17.37 20.05 -9.45
C SER B 145 -18.74 19.91 -10.10
N GLN B 146 -19.70 20.67 -9.64
CA GLN B 146 -21.05 20.56 -10.19
C GLN B 146 -21.15 20.89 -11.67
N GLN B 147 -20.33 21.80 -12.13
CA GLN B 147 -20.46 22.24 -13.54
C GLN B 147 -20.00 21.12 -14.46
N ALA B 148 -18.90 20.50 -14.04
CA ALA B 148 -18.34 19.32 -14.74
C ALA B 148 -19.37 18.18 -14.84
N TYR B 149 -19.87 17.77 -13.70
CA TYR B 149 -20.78 16.69 -13.70
C TYR B 149 -21.96 17.02 -14.60
N GLN B 150 -22.46 18.24 -14.51
CA GLN B 150 -23.70 18.60 -15.28
C GLN B 150 -23.47 18.50 -16.78
N GLU B 151 -22.35 19.06 -17.17
CA GLU B 151 -21.97 19.03 -18.56
C GLU B 151 -21.81 17.60 -19.05
N ALA B 152 -21.20 16.76 -18.19
CA ALA B 152 -21.01 15.37 -18.54
C ALA B 152 -22.37 14.73 -18.67
N PHE B 153 -23.24 15.02 -17.70
CA PHE B 153 -24.58 14.46 -17.66
C PHE B 153 -25.35 14.81 -18.93
N GLU B 154 -25.23 16.05 -19.42
CA GLU B 154 -26.02 16.42 -20.62
C GLU B 154 -25.58 15.63 -21.85
N ILE B 155 -24.29 15.53 -22.05
CA ILE B 155 -23.75 14.78 -23.18
C ILE B 155 -24.17 13.31 -23.14
N SER B 156 -24.06 12.71 -21.95
CA SER B 156 -24.42 11.31 -21.82
C SER B 156 -25.93 11.09 -22.11
N LYS B 157 -26.76 12.08 -21.79
CA LYS B 157 -28.19 11.97 -22.10
C LYS B 157 -28.48 11.97 -23.59
N LYS B 158 -27.80 12.80 -24.36
CA LYS B 158 -27.92 12.84 -25.81
C LYS B 158 -27.20 11.70 -26.55
N GLU B 159 -26.06 11.22 -26.06
CA GLU B 159 -25.22 10.31 -26.86
C GLU B 159 -25.11 8.85 -26.43
N MET B 160 -25.49 8.49 -25.21
CA MET B 160 -25.20 7.15 -24.71
C MET B 160 -26.50 6.52 -24.27
N GLN B 161 -26.53 5.21 -24.35
CA GLN B 161 -27.62 4.40 -23.87
C GLN B 161 -27.70 4.48 -22.34
N PRO B 162 -28.91 4.41 -21.78
CA PRO B 162 -29.04 4.49 -20.34
C PRO B 162 -28.40 3.35 -19.57
N THR B 163 -28.14 2.22 -20.19
CA THR B 163 -27.44 1.15 -19.53
C THR B 163 -25.95 1.19 -19.69
N HIS B 164 -25.45 2.20 -20.40
CA HIS B 164 -23.99 2.30 -20.56
C HIS B 164 -23.35 2.54 -19.20
N PRO B 165 -22.31 1.79 -18.88
CA PRO B 165 -21.72 1.97 -17.55
C PRO B 165 -21.10 3.30 -17.25
N ILE B 166 -20.54 3.95 -18.23
CA ILE B 166 -20.01 5.28 -18.00
C ILE B 166 -21.15 6.28 -17.62
N ARG B 167 -22.31 6.11 -18.26
CA ARG B 167 -23.47 6.91 -17.96
C ARG B 167 -24.00 6.62 -16.58
N LEU B 168 -24.16 5.35 -16.23
CA LEU B 168 -24.63 4.98 -14.90
C LEU B 168 -23.61 5.34 -13.84
N GLY B 169 -22.31 5.13 -14.07
CA GLY B 169 -21.32 5.53 -13.07
C GLY B 169 -21.30 7.06 -12.85
N LEU B 170 -21.47 7.85 -13.91
CA LEU B 170 -21.64 9.30 -13.76
C LEU B 170 -22.83 9.57 -12.87
N ALA B 171 -23.95 8.92 -13.15
CA ALA B 171 -25.13 9.08 -12.27
C ALA B 171 -24.83 8.68 -10.84
N LEU B 172 -24.10 7.59 -10.66
CA LEU B 172 -23.82 7.19 -9.27
C LEU B 172 -23.02 8.30 -8.55
N ASN B 173 -21.92 8.73 -9.15
CA ASN B 173 -21.05 9.68 -8.50
C ASN B 173 -21.68 11.10 -8.37
N PHE B 174 -22.46 11.48 -9.36
CA PHE B 174 -23.09 12.77 -9.33
C PHE B 174 -24.12 12.77 -8.19
N SER B 175 -24.85 11.67 -8.04
CA SER B 175 -25.84 11.57 -7.01
C SER B 175 -25.22 11.60 -5.65
N VAL B 176 -24.08 10.97 -5.47
CA VAL B 176 -23.42 11.03 -4.19
C VAL B 176 -22.91 12.47 -3.99
N PHE B 177 -22.45 13.15 -5.03
CA PHE B 177 -22.04 14.57 -4.86
C PHE B 177 -23.18 15.43 -4.24
N TYR B 178 -24.39 15.27 -4.77
CA TYR B 178 -25.57 16.01 -4.32
C TYR B 178 -25.83 15.67 -2.89
N TYR B 179 -25.70 14.40 -2.51
CA TYR B 179 -26.05 14.02 -1.15
C TYR B 179 -24.98 14.44 -0.12
N GLU B 180 -23.75 14.05 -0.36
CA GLU B 180 -22.67 14.31 0.59
C GLU B 180 -22.09 15.73 0.49
N ILE B 181 -22.06 16.35 -0.68
CA ILE B 181 -21.32 17.58 -0.78
C ILE B 181 -22.25 18.82 -0.80
N LEU B 182 -23.35 18.80 -1.55
CA LEU B 182 -24.33 19.89 -1.50
C LEU B 182 -25.42 19.67 -0.47
N ASN B 183 -25.30 18.65 0.35
CA ASN B 183 -26.35 18.33 1.31
C ASN B 183 -27.74 18.57 0.79
N SER B 184 -28.18 17.69 -0.11
CA SER B 184 -29.34 17.91 -1.00
C SER B 184 -30.03 16.61 -1.42
N PRO B 185 -30.55 15.85 -0.45
CA PRO B 185 -30.96 14.48 -0.70
C PRO B 185 -32.09 14.32 -1.68
N GLU B 186 -32.84 15.36 -1.96
CA GLU B 186 -33.94 15.25 -2.88
C GLU B 186 -33.40 15.14 -4.28
N LYS B 187 -32.43 15.98 -4.58
CA LYS B 187 -31.72 15.95 -5.86
C LYS B 187 -30.91 14.60 -6.05
N ALA B 188 -30.25 14.15 -4.99
CA ALA B 188 -29.56 12.87 -5.03
C ALA B 188 -30.49 11.71 -5.33
N CYS B 189 -31.62 11.69 -4.65
CA CYS B 189 -32.57 10.56 -4.80
C CYS B 189 -33.19 10.56 -6.19
N SER B 190 -33.64 11.72 -6.62
CA SER B 190 -34.24 11.84 -7.93
C SER B 190 -33.27 11.39 -9.07
N LEU B 191 -32.05 11.93 -9.10
CA LEU B 191 -31.06 11.57 -10.14
C LEU B 191 -30.85 10.04 -10.18
N ALA B 192 -30.66 9.47 -9.02
CA ALA B 192 -30.44 8.07 -8.91
C ALA B 192 -31.63 7.22 -9.33
N LYS B 193 -32.82 7.66 -8.95
CA LYS B 193 -34.01 6.85 -9.26
C LYS B 193 -34.27 6.88 -10.74
N THR B 194 -34.18 8.08 -11.30
CA THR B 194 -34.36 8.27 -12.75
C THR B 194 -33.37 7.44 -13.56
N ALA B 195 -32.12 7.47 -13.14
CA ALA B 195 -31.07 6.75 -13.84
C ALA B 195 -31.29 5.27 -13.79
N PHE B 196 -31.68 4.76 -12.60
CA PHE B 196 -32.07 3.33 -12.45
C PHE B 196 -33.25 3.01 -13.36
N ASP B 197 -34.29 3.89 -13.35
CA ASP B 197 -35.56 3.55 -14.04
C ASP B 197 -35.36 3.59 -15.54
N GLU B 198 -34.57 4.53 -15.99
CA GLU B 198 -34.34 4.56 -17.41
C GLU B 198 -33.51 3.39 -17.89
N ALA B 199 -32.60 2.88 -17.05
CA ALA B 199 -31.85 1.70 -17.51
C ALA B 199 -32.80 0.51 -17.54
N ILE B 200 -33.75 0.48 -16.59
CA ILE B 200 -34.74 -0.61 -16.56
C ILE B 200 -35.65 -0.66 -17.81
N ALA B 201 -36.16 0.50 -18.19
CA ALA B 201 -36.90 0.61 -19.45
C ALA B 201 -36.10 0.21 -20.72
N GLU B 202 -34.76 0.40 -20.77
CA GLU B 202 -33.96 -0.01 -21.97
C GLU B 202 -33.82 -1.52 -21.99
N LEU B 203 -33.78 -2.18 -20.82
CA LEU B 203 -33.90 -3.62 -20.79
C LEU B 203 -35.16 -4.11 -21.55
N ASP B 204 -36.33 -3.49 -21.34
CA ASP B 204 -37.53 -3.93 -22.08
C ASP B 204 -37.33 -3.85 -23.60
N THR B 205 -36.82 -2.71 -24.06
CA THR B 205 -36.44 -2.45 -25.47
C THR B 205 -35.63 -3.58 -26.13
N LEU B 206 -34.58 -4.05 -25.44
CA LEU B 206 -33.77 -5.19 -25.91
C LEU B 206 -34.38 -6.51 -25.47
N GLU B 208 -27.23 -8.30 -26.35
CA GLU B 208 -26.03 -7.53 -26.11
C GLU B 208 -26.26 -6.45 -25.05
N GLU B 209 -25.20 -5.83 -24.55
CA GLU B 209 -23.82 -6.14 -24.95
C GLU B 209 -23.03 -6.76 -23.80
N SER B 210 -23.06 -6.12 -22.66
CA SER B 210 -22.39 -6.63 -21.49
C SER B 210 -23.00 -5.87 -20.34
N TYR B 211 -24.07 -6.45 -19.83
CA TYR B 211 -24.84 -5.85 -18.79
C TYR B 211 -24.45 -6.24 -17.39
N LYS B 212 -23.36 -6.93 -17.23
CA LYS B 212 -22.92 -7.32 -15.91
C LYS B 212 -22.40 -6.14 -15.14
N ASP B 213 -21.63 -5.28 -15.79
CA ASP B 213 -21.11 -4.11 -15.14
C ASP B 213 -22.22 -3.13 -14.89
N SER B 214 -23.02 -2.90 -15.92
CA SER B 214 -24.20 -2.05 -15.86
C SER B 214 -25.08 -2.49 -14.71
N THR B 215 -25.25 -3.79 -14.45
CA THR B 215 -26.26 -4.15 -13.47
C THR B 215 -25.65 -3.96 -12.10
N LEU B 216 -24.34 -4.13 -11.98
CA LEU B 216 -23.69 -3.84 -10.69
C LEU B 216 -23.83 -2.35 -10.38
N ILE B 217 -23.64 -1.48 -11.34
CA ILE B 217 -23.82 -0.06 -10.98
C ILE B 217 -25.31 0.20 -10.65
N MET B 218 -26.21 -0.43 -11.38
CA MET B 218 -27.68 -0.27 -11.07
C MET B 218 -27.88 -0.71 -9.64
N GLN B 219 -27.27 -1.82 -9.19
CA GLN B 219 -27.46 -2.23 -7.79
C GLN B 219 -26.96 -1.20 -6.79
N LEU B 220 -25.77 -0.64 -7.05
CA LEU B 220 -25.19 0.42 -6.19
C LEU B 220 -26.15 1.65 -6.11
N LEU B 221 -26.71 2.08 -7.25
CA LEU B 221 -27.73 3.16 -7.23
C LEU B 221 -28.91 2.80 -6.32
N ARG B 222 -29.41 1.56 -6.41
CA ARG B 222 -30.60 1.22 -5.67
C ARG B 222 -30.22 1.10 -4.19
N ASP B 223 -29.06 0.53 -3.90
CA ASP B 223 -28.62 0.47 -2.50
C ASP B 223 -28.50 1.85 -1.87
N ASN B 224 -28.07 2.83 -2.64
CA ASN B 224 -28.05 4.19 -2.09
C ASN B 224 -29.44 4.73 -1.82
N LEU B 225 -30.36 4.65 -2.76
CA LEU B 225 -31.79 5.06 -2.48
C LEU B 225 -32.31 4.38 -1.19
N THR B 226 -32.14 3.08 -1.08
CA THR B 226 -32.55 2.38 0.10
C THR B 226 -31.98 3.02 1.39
N LEU B 227 -30.66 3.22 1.44
CA LEU B 227 -29.99 3.90 2.55
C LEU B 227 -30.53 5.28 2.82
N TRP B 228 -30.67 6.05 1.76
CA TRP B 228 -31.13 7.42 1.86
C TRP B 228 -32.61 7.57 2.16
N THR B 229 -33.42 6.51 2.06
CA THR B 229 -34.82 6.60 2.51
C THR B 229 -34.92 6.26 4.00
N SER B 230 -34.42 5.09 4.38
CA SER B 230 -34.27 4.75 5.78
C SER B 230 -33.13 3.75 5.98
N GLY C 1 -0.34 -10.05 15.32
CA GLY C 1 -0.13 -8.84 16.13
C GLY C 1 1.27 -8.88 16.65
C MK8 C 2 3.68 -10.51 17.20
N MK8 C 2 1.54 -9.71 17.54
O MK8 C 2 4.87 -10.28 17.09
CA MK8 C 2 2.90 -9.86 18.15
CB MK8 C 2 2.73 -10.65 19.44
CD MK8 C 2 4.89 -11.00 20.48
CE MK8 C 2 5.96 -11.98 20.81
CG MK8 C 2 3.79 -11.68 19.78
CB1 MK8 C 2 3.43 -8.50 18.51
N LEU C 3 3.11 -11.48 16.39
CA LEU C 3 3.87 -12.24 15.44
C LEU C 3 4.19 -11.41 14.24
N ASP C 4 3.44 -10.34 14.03
CA ASP C 4 3.64 -9.47 12.90
C ASP C 4 4.96 -8.79 13.09
N ZS8 C 5 5.31 -8.36 14.30
CA ZS8 C 5 6.54 -7.69 14.57
C ZS8 C 5 7.60 -8.51 14.43
CB2 ZS8 C 5 6.60 -6.48 13.66
CB1 ZS8 C 5 6.42 -7.18 16.00
CG1 ZS8 C 5 7.71 -6.70 16.61
CD1 ZS8 C 5 7.69 -6.95 18.05
CZ1 ZS8 C 5 7.84 -8.37 18.34
CE1 ZS8 C 5 8.56 -8.50 19.64
CT1 ZS8 C 5 8.03 -9.50 20.35
CI1 ZS8 C 5 7.57 -10.34 20.95
CK1 ZS8 C 5 7.00 -11.31 21.65
OXT ZS8 C 5 8.75 -7.99 14.18
N LEU C 6 7.44 -9.76 14.60
CA LEU C 6 8.67 -10.68 14.50
C LEU C 6 9.10 -10.89 13.12
N ASP C 7 8.35 -10.44 12.15
CA ASP C 7 8.77 -10.59 10.79
C ASP C 7 9.18 -12.01 10.45
N LEU C 8 8.24 -12.92 10.64
CA LEU C 8 8.44 -14.32 10.39
C LEU C 8 8.56 -14.61 8.92
N ALA C 9 9.45 -15.52 8.58
CA ALA C 9 9.66 -15.89 7.20
C ALA C 9 8.65 -16.90 6.74
N SER C 10 7.89 -17.41 7.69
CA SER C 10 6.86 -18.41 7.46
C SER C 10 7.23 -19.40 6.38
N GLY D 1 -12.63 -4.92 -11.98
CA GLY D 1 -12.07 -4.92 -13.29
C GLY D 1 -12.41 -3.64 -13.98
C MK8 D 2 -14.25 -1.30 -14.64
N MK8 D 2 -13.36 -3.59 -14.72
O MK8 D 2 -14.12 -0.13 -14.84
CA MK8 D 2 -13.79 -2.25 -15.51
CB MK8 D 2 -14.92 -2.63 -16.41
CD MK8 D 2 -16.28 -0.76 -17.37
CE MK8 D 2 -16.57 -0.22 -18.74
CG MK8 D 2 -15.10 -1.66 -17.54
CB1 MK8 D 2 -12.56 -1.78 -16.27
N LEU D 3 -14.98 -1.67 -13.54
CA LEU D 3 -15.56 -0.74 -12.64
C LEU D 3 -14.51 -0.12 -11.75
N ASP D 4 -13.34 -0.71 -11.72
CA ASP D 4 -12.26 -0.20 -10.91
C ASP D 4 -11.89 1.15 -11.46
N ZS8 D 5 -11.62 1.29 -12.81
CA ZS8 D 5 -11.15 2.56 -13.34
C ZS8 D 5 -12.08 3.56 -13.32
O ZS8 D 5 -11.77 4.69 -13.53
CB2 ZS8 D 5 -9.95 2.97 -12.53
CB1 ZS8 D 5 -10.63 2.44 -14.72
CG1 ZS8 D 5 -11.66 1.96 -15.64
CD1 ZS8 D 5 -11.66 2.76 -16.88
CZ1 ZS8 D 5 -13.07 3.12 -17.19
CE1 ZS8 D 5 -13.41 2.74 -18.59
CT1 ZS8 D 5 -14.59 2.16 -18.64
CI1 ZS8 D 5 -15.42 1.77 -18.69
CK1 ZS8 D 5 -16.62 1.25 -18.74
N LEU D 6 -13.28 3.15 -13.08
CA LEU D 6 -14.42 4.18 -13.06
C LEU D 6 -14.51 4.94 -11.79
N ASP D 7 -13.70 4.60 -10.81
CA ASP D 7 -13.66 5.31 -9.56
C ASP D 7 -15.04 5.60 -9.01
N LEU D 8 -15.79 4.55 -8.77
CA LEU D 8 -17.12 4.70 -8.26
C LEU D 8 -17.10 5.18 -6.83
N ALA D 9 -18.05 6.01 -6.49
CA ALA D 9 -18.15 6.53 -5.18
C ALA D 9 -18.89 5.58 -4.29
N SER D 10 -19.49 4.56 -4.88
CA SER D 10 -20.26 3.55 -4.17
C SER D 10 -21.05 4.10 -3.01
C BEZ E . -31.34 -4.65 -8.12
O1 BEZ E . -30.88 -3.51 -7.71
O2 BEZ E . -31.68 -5.51 -7.28
C1 BEZ E . -31.43 -4.94 -9.59
C2 BEZ E . -30.60 -4.29 -10.51
C3 BEZ E . -30.66 -4.58 -11.85
C4 BEZ E . -31.63 -5.47 -12.33
C5 BEZ E . -32.49 -6.11 -11.44
C6 BEZ E . -32.37 -5.84 -10.06
#